data_9D5G
#
_entry.id   9D5G
#
_cell.length_a   44.150
_cell.length_b   117.923
_cell.length_c   47.713
_cell.angle_alpha   90.000
_cell.angle_beta   101.577
_cell.angle_gamma   90.000
#
_symmetry.space_group_name_H-M   'P 1 21 1'
#
loop_
_entity.id
_entity.type
_entity.pdbx_description
1 polymer 'Integrin-linked protein kinase'
2 polymer Alpha-parvin
3 non-polymer '4-methyl Erlotinib'
4 non-polymer 2-[3-(2-HYDROXY-1,1-DIHYDROXYMETHYL-ETHYLAMINO)-PROPYLAMINO]-2-HYDROXYMETHYL-PROPANE-1,3-DIOL
5 water water
#
loop_
_entity_poly.entity_id
_entity_poly.type
_entity_poly.pdbx_seq_one_letter_code
_entity_poly.pdbx_strand_id
1 'polypeptide(L)'
;MNKHSGIDFKQLNFLTKLNENHSGELWKGRWQGNDIVVKVLKVRDWSTRKSRDFNEECPRLRIFSHPNVLPVLGACQSPP
APHPTLITHWMPYGSLYNVLHEGTNFVVDQSQAVKFALDMARGMAFLHTLEPLIPRHALNSRSVMIDEDMTARISMADVK
FSFQSPGRMYAPAWVAPEALQKKPEDTNRRSADMWSFAVLLWELVTREVPFADLSNMEIGMKVALEGLRPTIPPGISPHV
SKLMKICMNEDPAKRPKFDMIVPILEKMQDK
;
AAAA
2 'polypeptide(L)'
;GSHMDAFDTLFDHAPDKLNVVKKTLITFVNKHLNKLNLEVTELETQFADGVYLVLLMGLLEGYFVPLHSFFLTPDSFEQK
VLNVSFAFELMQDGGLEKPKPRPEDIVNCDLKSTLRVLYNLFTKYRNVE
;
BBBB
#
loop_
_chem_comp.id
_chem_comp.type
_chem_comp.name
_chem_comp.formula
A1A2V non-polymer '4-methyl Erlotinib' 'C23 H25 N3 O4'
B3P non-polymer 2-[3-(2-HYDROXY-1,1-DIHYDROXYMETHYL-ETHYLAMINO)-PROPYLAMINO]-2-HYDROXYMETHYL-PROPANE-1,3-DIOL 'C11 H26 N2 O6'
#
# COMPACT_ATOMS: atom_id res chain seq x y z
N MET A 1 -29.73 21.57 0.93
CA MET A 1 -28.63 21.51 1.89
C MET A 1 -28.02 20.10 1.91
N ASN A 2 -26.70 20.04 2.12
CA ASN A 2 -26.00 18.77 2.19
C ASN A 2 -26.42 18.00 3.44
N LYS A 3 -26.39 16.67 3.36
CA LYS A 3 -26.83 15.86 4.49
C LYS A 3 -25.83 15.92 5.64
N HIS A 4 -24.54 15.91 5.32
CA HIS A 4 -23.47 16.08 6.28
C HIS A 4 -22.60 17.25 5.85
N SER A 5 -22.29 18.14 6.79
CA SER A 5 -21.25 19.12 6.56
C SER A 5 -19.88 18.60 6.99
N GLY A 6 -19.82 17.45 7.65
CA GLY A 6 -18.57 16.93 8.15
C GLY A 6 -18.10 17.68 9.38
N ILE A 7 -16.88 17.38 9.79
CA ILE A 7 -16.27 18.02 10.95
C ILE A 7 -15.65 19.35 10.50
N ASP A 8 -15.81 20.37 11.35
CA ASP A 8 -15.26 21.69 11.09
C ASP A 8 -13.75 21.67 11.36
N PHE A 9 -12.96 21.90 10.31
CA PHE A 9 -11.50 21.88 10.44
C PHE A 9 -11.01 22.86 11.50
N LYS A 10 -11.71 23.98 11.65
CA LYS A 10 -11.31 25.00 12.63
C LYS A 10 -11.42 24.48 14.07
N GLN A 11 -12.28 23.50 14.32
CA GLN A 11 -12.47 22.93 15.64
C GLN A 11 -11.39 21.92 16.01
N LEU A 12 -10.46 21.62 15.11
CA LEU A 12 -9.41 20.66 15.43
C LEU A 12 -8.29 21.36 16.15
N ASN A 13 -7.86 20.78 17.27
CA ASN A 13 -6.67 21.25 17.97
C ASN A 13 -5.54 20.32 17.58
N PHE A 14 -4.64 20.79 16.72
CA PHE A 14 -3.47 20.01 16.32
C PHE A 14 -2.40 20.14 17.39
N LEU A 15 -1.98 19.01 17.97
CA LEU A 15 -1.01 19.05 19.06
C LEU A 15 0.41 18.71 18.61
N THR A 16 0.60 17.55 18.00
CA THR A 16 1.95 17.10 17.67
C THR A 16 1.88 16.26 16.41
N LYS A 17 2.83 16.50 15.51
CA LYS A 17 2.88 15.73 14.29
C LYS A 17 3.51 14.37 14.56
N LEU A 18 2.88 13.31 14.05
CA LEU A 18 3.35 11.95 14.26
C LEU A 18 4.15 11.38 13.11
N ASN A 19 3.81 11.72 11.86
CA ASN A 19 4.40 11.09 10.69
C ASN A 19 4.07 11.93 9.48
N GLU A 20 4.89 11.79 8.44
CA GLU A 20 4.60 12.38 7.14
C GLU A 20 5.18 11.45 6.07
N ASN A 21 4.40 11.22 5.02
CA ASN A 21 4.87 10.31 3.97
C ASN A 21 4.12 10.62 2.68
N HIS A 22 4.15 9.64 1.76
CA HIS A 22 3.61 9.82 0.41
C HIS A 22 2.14 10.24 0.45
N SER A 23 1.37 9.69 1.38
CA SER A 23 -0.06 9.90 1.41
C SER A 23 -0.49 11.13 2.18
N GLY A 24 0.43 11.76 2.91
CA GLY A 24 0.03 12.90 3.72
C GLY A 24 0.68 12.94 5.09
N GLU A 25 -0.04 13.47 6.08
CA GLU A 25 0.51 13.69 7.41
C GLU A 25 -0.42 13.10 8.46
N LEU A 26 0.15 12.65 9.57
CA LEU A 26 -0.60 12.17 10.70
C LEU A 26 -0.27 13.01 11.92
N TRP A 27 -1.30 13.52 12.59
CA TRP A 27 -1.16 14.37 13.77
C TRP A 27 -1.93 13.76 14.93
N LYS A 28 -1.40 13.94 16.15
CA LYS A 28 -2.20 13.77 17.35
C LYS A 28 -2.86 15.08 17.70
N GLY A 29 -4.12 15.01 18.15
CA GLY A 29 -4.84 16.23 18.40
C GLY A 29 -6.02 16.00 19.34
N ARG A 30 -6.86 17.03 19.41
CA ARG A 30 -8.08 17.01 20.21
C ARG A 30 -9.24 17.63 19.44
N TRP A 31 -10.43 17.09 19.66
CA TRP A 31 -11.64 17.59 19.01
C TRP A 31 -12.84 17.21 19.84
N GLN A 32 -13.61 18.22 20.29
CA GLN A 32 -14.85 18.02 21.07
C GLN A 32 -14.65 17.03 22.22
N GLY A 33 -13.58 17.25 22.99
CA GLY A 33 -13.29 16.42 24.14
C GLY A 33 -12.73 15.05 23.85
N ASN A 34 -12.38 14.76 22.60
CA ASN A 34 -11.80 13.48 22.20
C ASN A 34 -10.31 13.63 21.92
N ASP A 35 -9.53 12.64 22.35
CA ASP A 35 -8.15 12.50 21.89
C ASP A 35 -8.19 11.79 20.54
N ILE A 36 -7.62 12.41 19.51
CA ILE A 36 -7.81 11.96 18.13
C ILE A 36 -6.47 11.88 17.42
N VAL A 37 -6.51 11.19 16.28
CA VAL A 37 -5.47 11.28 15.27
C VAL A 37 -6.11 11.91 14.04
N VAL A 38 -5.37 12.82 13.41
CA VAL A 38 -5.82 13.53 12.21
C VAL A 38 -4.94 13.08 11.06
N LYS A 39 -5.56 12.54 9.99
CA LYS A 39 -4.85 12.24 8.76
C LYS A 39 -5.18 13.32 7.74
N VAL A 40 -4.16 14.09 7.36
CA VAL A 40 -4.28 15.11 6.33
C VAL A 40 -3.82 14.48 5.02
N LEU A 41 -4.73 14.36 4.06
CA LEU A 41 -4.41 13.63 2.85
C LEU A 41 -3.74 14.54 1.83
N LYS A 42 -2.61 14.08 1.30
CA LYS A 42 -1.92 14.72 0.19
C LYS A 42 -2.47 14.14 -1.11
N VAL A 43 -3.06 14.97 -1.96
CA VAL A 43 -3.64 14.48 -3.22
C VAL A 43 -3.18 15.40 -4.35
N ARG A 44 -2.57 14.82 -5.38
CA ARG A 44 -2.21 15.58 -6.56
C ARG A 44 -3.45 15.79 -7.43
N ASP A 45 -3.55 16.96 -8.03
CA ASP A 45 -4.65 17.29 -8.95
C ASP A 45 -6.01 17.13 -8.26
N TRP A 46 -6.10 17.67 -7.05
CA TRP A 46 -7.41 17.76 -6.38
C TRP A 46 -8.39 18.47 -7.29
N SER A 47 -9.64 18.02 -7.25
CA SER A 47 -10.66 18.52 -8.15
C SER A 47 -11.99 18.48 -7.41
N THR A 48 -12.99 19.15 -7.99
CA THR A 48 -14.33 19.11 -7.41
C THR A 48 -14.88 17.69 -7.44
N ARG A 49 -14.59 16.95 -8.51
CA ARG A 49 -15.03 15.57 -8.63
C ARG A 49 -14.45 14.73 -7.49
N LYS A 50 -13.13 14.84 -7.26
CA LYS A 50 -12.50 14.05 -6.20
C LYS A 50 -13.01 14.47 -4.83
N SER A 51 -13.27 15.77 -4.65
CA SER A 51 -13.82 16.24 -3.38
C SER A 51 -15.22 15.66 -3.15
N ARG A 52 -16.07 15.71 -4.18
CA ARG A 52 -17.38 15.10 -4.09
C ARG A 52 -17.27 13.62 -3.73
N ASP A 53 -16.33 12.92 -4.38
CA ASP A 53 -16.15 11.49 -4.12
C ASP A 53 -15.69 11.25 -2.68
N PHE A 54 -14.71 12.04 -2.22
CA PHE A 54 -14.29 11.92 -0.83
C PHE A 54 -15.49 12.06 0.09
N ASN A 55 -16.35 13.05 -0.17
CA ASN A 55 -17.44 13.29 0.76
C ASN A 55 -18.52 12.21 0.68
N GLU A 56 -18.64 11.49 -0.44
CA GLU A 56 -19.55 10.36 -0.54
C GLU A 56 -18.95 9.10 0.08
N GLU A 57 -17.63 8.99 0.13
CA GLU A 57 -16.97 7.77 0.57
C GLU A 57 -16.74 7.76 2.08
N CYS A 58 -16.57 8.92 2.68
CA CYS A 58 -16.31 8.98 4.12
C CYS A 58 -17.45 8.51 5.00
N PRO A 59 -18.72 8.80 4.70
CA PRO A 59 -19.78 8.41 5.65
C PRO A 59 -19.82 6.91 5.92
N ARG A 60 -19.43 6.08 4.94
CA ARG A 60 -19.42 4.62 5.11
C ARG A 60 -18.45 4.18 6.18
N LEU A 61 -17.46 5.00 6.49
CA LEU A 61 -16.41 4.61 7.42
C LEU A 61 -16.81 4.86 8.85
N ARG A 62 -17.94 5.51 9.10
CA ARG A 62 -18.33 5.87 10.46
C ARG A 62 -19.13 4.71 11.07
N ILE A 63 -18.40 3.65 11.40
CA ILE A 63 -18.99 2.39 11.86
C ILE A 63 -18.86 2.31 13.38
N PHE A 64 -19.96 2.49 14.10
CA PHE A 64 -19.93 2.53 15.56
C PHE A 64 -20.50 1.28 16.22
N SER A 65 -20.83 0.25 15.45
CA SER A 65 -21.66 -0.84 15.92
C SER A 65 -20.88 -2.12 16.25
N HIS A 66 -19.55 -2.11 16.24
CA HIS A 66 -18.82 -3.36 16.49
C HIS A 66 -17.53 -3.07 17.28
N PRO A 67 -17.27 -3.80 18.37
CA PRO A 67 -16.11 -3.47 19.20
C PRO A 67 -14.78 -3.64 18.50
N ASN A 68 -14.72 -4.48 17.47
CA ASN A 68 -13.46 -4.73 16.77
C ASN A 68 -13.37 -3.97 15.47
N VAL A 69 -14.15 -2.90 15.34
CA VAL A 69 -14.02 -1.97 14.21
C VAL A 69 -13.81 -0.58 14.80
N LEU A 70 -12.74 0.11 14.37
CA LEU A 70 -12.49 1.47 14.81
C LEU A 70 -13.05 2.45 13.79
N PRO A 71 -14.07 3.23 14.11
CA PRO A 71 -14.68 4.12 13.12
C PRO A 71 -13.80 5.32 12.81
N VAL A 72 -13.99 5.83 11.60
CA VAL A 72 -13.70 7.24 11.37
C VAL A 72 -14.74 8.05 12.15
N LEU A 73 -14.26 8.99 12.96
CA LEU A 73 -15.21 9.86 13.67
C LEU A 73 -15.88 10.82 12.71
N GLY A 74 -15.13 11.29 11.73
CA GLY A 74 -15.66 12.18 10.73
C GLY A 74 -14.54 12.67 9.85
N ALA A 75 -14.91 13.54 8.93
CA ALA A 75 -13.97 14.00 7.93
C ALA A 75 -14.20 15.48 7.69
N CYS A 76 -13.13 16.17 7.32
CA CYS A 76 -13.20 17.57 6.92
C CYS A 76 -13.25 17.66 5.41
N GLN A 77 -14.34 18.22 4.90
CA GLN A 77 -14.51 18.39 3.47
C GLN A 77 -13.63 19.52 2.98
N SER A 78 -13.07 19.35 1.80
CA SER A 78 -12.10 20.29 1.24
C SER A 78 -12.51 20.63 -0.18
N PRO A 79 -13.05 21.84 -0.46
CA PRO A 79 -13.28 22.96 0.45
C PRO A 79 -14.42 22.66 1.41
N PRO A 80 -14.53 23.40 2.53
CA PRO A 80 -13.70 24.57 2.89
C PRO A 80 -12.38 24.26 3.61
N ALA A 81 -12.12 23.03 4.03
CA ALA A 81 -10.86 22.73 4.69
C ALA A 81 -9.70 22.84 3.71
N PRO A 82 -8.49 23.16 4.19
CA PRO A 82 -7.34 23.26 3.26
C PRO A 82 -7.05 21.97 2.53
N HIS A 83 -7.30 20.82 3.15
CA HIS A 83 -6.98 19.51 2.59
C HIS A 83 -8.04 18.54 3.05
N PRO A 84 -8.34 17.51 2.26
CA PRO A 84 -9.22 16.45 2.77
C PRO A 84 -8.58 15.76 3.96
N THR A 85 -9.35 15.62 5.02
CA THR A 85 -8.83 15.26 6.33
C THR A 85 -9.77 14.25 6.97
N LEU A 86 -9.20 13.20 7.60
CA LEU A 86 -9.93 12.18 8.34
C LEU A 86 -9.55 12.26 9.80
N ILE A 87 -10.52 12.00 10.70
CA ILE A 87 -10.31 12.00 12.13
C ILE A 87 -10.72 10.65 12.69
N THR A 88 -9.88 10.06 13.56
CA THR A 88 -10.24 8.86 14.31
C THR A 88 -9.79 9.02 15.75
N HIS A 89 -10.25 8.12 16.62
CA HIS A 89 -9.79 8.15 18.00
C HIS A 89 -8.32 7.72 18.09
N TRP A 90 -7.59 8.35 19.00
CA TRP A 90 -6.22 7.98 19.28
C TRP A 90 -6.19 6.65 20.01
N MET A 91 -5.42 5.71 19.48
CA MET A 91 -5.36 4.38 20.04
C MET A 91 -4.06 4.25 20.82
N PRO A 92 -4.12 4.05 22.14
CA PRO A 92 -2.89 4.23 22.95
C PRO A 92 -1.72 3.33 22.57
N TYR A 93 -1.97 2.09 22.14
CA TYR A 93 -0.85 1.21 21.82
C TYR A 93 -0.43 1.28 20.36
N GLY A 94 -1.10 2.08 19.53
CA GLY A 94 -0.74 2.16 18.15
C GLY A 94 -1.24 0.96 17.37
N SER A 95 -0.57 0.67 16.27
CA SER A 95 -0.99 -0.41 15.38
C SER A 95 -0.51 -1.76 15.90
N LEU A 96 -1.16 -2.81 15.40
CA LEU A 96 -0.68 -4.15 15.69
C LEU A 96 0.77 -4.32 15.27
N TYR A 97 1.13 -3.71 14.13
CA TYR A 97 2.52 -3.73 13.68
C TYR A 97 3.44 -3.16 14.76
N ASN A 98 3.04 -2.04 15.35
CA ASN A 98 3.89 -1.41 16.38
C ASN A 98 4.00 -2.33 17.59
N VAL A 99 2.88 -2.92 17.99
CA VAL A 99 2.86 -3.73 19.21
C VAL A 99 3.69 -5.00 19.03
N LEU A 100 3.64 -5.60 17.83
CA LEU A 100 4.38 -6.84 17.60
C LEU A 100 5.84 -6.60 17.29
N HIS A 101 6.17 -5.55 16.53
CA HIS A 101 7.50 -5.44 15.94
C HIS A 101 8.33 -4.30 16.49
N GLU A 102 7.71 -3.36 17.19
CA GLU A 102 8.39 -2.18 17.70
C GLU A 102 8.06 -1.97 19.18
N GLY A 103 7.81 -3.05 19.90
CA GLY A 103 7.44 -2.96 21.29
C GLY A 103 8.64 -3.07 22.20
N THR A 104 9.10 -1.93 22.73
CA THR A 104 10.32 -1.90 23.52
C THR A 104 10.10 -2.24 24.99
N ASN A 105 8.86 -2.24 25.46
CA ASN A 105 8.58 -2.41 26.88
C ASN A 105 8.22 -3.84 27.26
N PHE A 106 7.42 -4.52 26.45
CA PHE A 106 6.98 -5.86 26.78
C PHE A 106 6.73 -6.61 25.49
N VAL A 107 6.74 -7.94 25.59
CA VAL A 107 6.42 -8.80 24.45
C VAL A 107 5.06 -9.43 24.74
N VAL A 108 4.09 -9.18 23.86
CA VAL A 108 2.77 -9.77 24.08
C VAL A 108 2.86 -11.29 24.04
N ASP A 109 2.15 -11.94 24.97
CA ASP A 109 2.26 -13.38 25.03
C ASP A 109 1.32 -14.03 24.02
N GLN A 110 1.43 -15.35 23.92
CA GLN A 110 0.68 -15.99 22.85
C GLN A 110 -0.81 -16.06 23.19
N SER A 111 -1.19 -16.04 24.47
CA SER A 111 -2.61 -15.91 24.79
C SER A 111 -3.17 -14.60 24.25
N GLN A 112 -2.41 -13.52 24.39
CA GLN A 112 -2.83 -12.23 23.85
C GLN A 112 -2.85 -12.24 22.33
N ALA A 113 -1.88 -12.91 21.73
CA ALA A 113 -1.86 -13.02 20.26
C ALA A 113 -3.11 -13.74 19.74
N VAL A 114 -3.51 -14.84 20.38
CA VAL A 114 -4.73 -15.54 19.97
C VAL A 114 -5.95 -14.64 20.12
N LYS A 115 -6.00 -13.84 21.20
CA LYS A 115 -7.09 -12.89 21.37
C LYS A 115 -7.07 -11.84 20.27
N PHE A 116 -5.88 -11.34 19.90
CA PHE A 116 -5.80 -10.43 18.74
C PHE A 116 -6.39 -11.08 17.50
N ALA A 117 -6.02 -12.34 17.24
CA ALA A 117 -6.53 -13.05 16.07
C ALA A 117 -8.05 -13.13 16.10
N LEU A 118 -8.63 -13.50 17.26
CA LEU A 118 -10.08 -13.59 17.38
C LEU A 118 -10.73 -12.23 17.17
N ASP A 119 -10.16 -11.19 17.77
CA ASP A 119 -10.66 -9.82 17.62
C ASP A 119 -10.72 -9.43 16.14
N MET A 120 -9.60 -9.63 15.42
CA MET A 120 -9.55 -9.29 14.01
C MET A 120 -10.53 -10.11 13.20
N ALA A 121 -10.67 -11.40 13.52
CA ALA A 121 -11.61 -12.22 12.74
C ALA A 121 -13.04 -11.76 12.98
N ARG A 122 -13.38 -11.39 14.22
CA ARG A 122 -14.73 -10.90 14.48
C ARG A 122 -14.99 -9.58 13.76
N GLY A 123 -14.04 -8.65 13.78
CA GLY A 123 -14.25 -7.41 13.06
C GLY A 123 -14.38 -7.61 11.57
N MET A 124 -13.53 -8.47 10.98
CA MET A 124 -13.61 -8.77 9.55
C MET A 124 -14.93 -9.46 9.21
N ALA A 125 -15.35 -10.42 10.03
CA ALA A 125 -16.65 -11.04 9.76
C ALA A 125 -17.76 -10.00 9.72
N PHE A 126 -17.74 -9.04 10.65
CA PHE A 126 -18.75 -7.99 10.62
C PHE A 126 -18.64 -7.16 9.35
N LEU A 127 -17.43 -6.72 9.00
CA LEU A 127 -17.28 -5.90 7.80
C LEU A 127 -17.73 -6.65 6.56
N HIS A 128 -17.54 -7.97 6.53
CA HIS A 128 -17.96 -8.74 5.37
C HIS A 128 -19.47 -8.91 5.27
N THR A 129 -20.23 -8.52 6.29
CA THR A 129 -21.69 -8.50 6.15
C THR A 129 -22.20 -7.25 5.48
N LEU A 130 -21.36 -6.24 5.28
CA LEU A 130 -21.81 -4.98 4.71
C LEU A 130 -22.07 -5.12 3.22
N GLU A 131 -23.08 -4.39 2.73
CA GLU A 131 -23.48 -4.45 1.33
C GLU A 131 -23.64 -3.03 0.80
N PRO A 132 -22.81 -2.60 -0.17
CA PRO A 132 -21.66 -3.36 -0.66
C PRO A 132 -20.51 -3.34 0.35
N LEU A 133 -19.50 -4.15 0.10
CA LEU A 133 -18.30 -4.11 0.91
C LEU A 133 -17.72 -2.71 0.88
N ILE A 134 -17.11 -2.30 2.00
CA ILE A 134 -16.31 -1.06 2.01
C ILE A 134 -15.19 -1.26 0.99
N PRO A 135 -15.10 -0.43 -0.03
CA PRO A 135 -14.10 -0.65 -1.08
C PRO A 135 -12.72 -0.22 -0.63
N ARG A 136 -11.72 -0.87 -1.23
CA ARG A 136 -10.32 -0.50 -1.08
C ARG A 136 -9.86 -0.56 0.37
N HIS A 137 -10.34 -1.56 1.10
CA HIS A 137 -9.91 -1.78 2.47
C HIS A 137 -8.94 -2.95 2.50
N ALA A 138 -7.66 -2.66 2.76
CA ALA A 138 -6.64 -3.69 2.82
C ALA A 138 -6.34 -4.02 4.27
N LEU A 139 -6.30 -5.32 4.58
CA LEU A 139 -6.01 -5.80 5.93
C LEU A 139 -4.55 -6.14 6.08
N ASN A 140 -3.90 -5.55 7.07
CA ASN A 140 -2.50 -5.86 7.34
C ASN A 140 -2.24 -5.38 8.76
N SER A 141 -1.03 -5.62 9.29
CA SER A 141 -0.85 -5.28 10.71
C SER A 141 -0.76 -3.76 10.96
N ARG A 142 -0.48 -2.95 9.94
CA ARG A 142 -0.55 -1.52 10.11
C ARG A 142 -1.99 -0.98 10.08
N SER A 143 -2.97 -1.74 9.58
CA SER A 143 -4.33 -1.24 9.52
C SER A 143 -5.22 -1.84 10.61
N VAL A 144 -4.60 -2.45 11.62
CA VAL A 144 -5.27 -2.89 12.82
C VAL A 144 -4.68 -2.10 13.97
N MET A 145 -5.54 -1.52 14.82
CA MET A 145 -5.12 -0.70 15.95
C MET A 145 -5.39 -1.43 17.26
N ILE A 146 -4.62 -1.12 18.28
CA ILE A 146 -4.72 -1.77 19.57
C ILE A 146 -5.15 -0.71 20.58
N ASP A 147 -6.32 -0.90 21.17
CA ASP A 147 -6.97 0.07 22.05
C ASP A 147 -6.44 -0.10 23.47
N GLU A 148 -6.99 0.70 24.39
CA GLU A 148 -6.41 0.83 25.72
C GLU A 148 -6.50 -0.46 26.53
N ASP A 149 -7.51 -1.30 26.28
CA ASP A 149 -7.65 -2.57 26.96
C ASP A 149 -7.07 -3.73 26.14
N MET A 150 -6.19 -3.42 25.19
CA MET A 150 -5.55 -4.37 24.28
C MET A 150 -6.52 -5.01 23.29
N THR A 151 -7.70 -4.43 23.10
CA THR A 151 -8.62 -4.91 22.07
C THR A 151 -8.11 -4.53 20.69
N ALA A 152 -8.02 -5.50 19.78
CA ALA A 152 -7.65 -5.18 18.40
C ALA A 152 -8.87 -4.72 17.62
N ARG A 153 -8.67 -3.70 16.80
CA ARG A 153 -9.78 -3.09 16.07
C ARG A 153 -9.35 -2.81 14.64
N ILE A 154 -10.17 -3.23 13.67
CA ILE A 154 -9.87 -2.92 12.26
C ILE A 154 -10.07 -1.43 12.02
N SER A 155 -9.06 -0.76 11.46
CA SER A 155 -9.13 0.71 11.34
C SER A 155 -9.81 1.11 10.04
N MET A 156 -10.95 1.78 10.14
CA MET A 156 -11.62 2.25 8.93
C MET A 156 -10.93 3.44 8.30
N ALA A 157 -10.08 4.15 9.04
CA ALA A 157 -9.36 5.27 8.44
C ALA A 157 -8.34 4.81 7.42
N ASP A 158 -7.93 3.54 7.47
CA ASP A 158 -6.85 3.05 6.63
C ASP A 158 -7.36 2.55 5.28
N VAL A 159 -8.58 2.92 4.89
CA VAL A 159 -9.01 2.62 3.53
C VAL A 159 -8.29 3.55 2.56
N LYS A 160 -8.18 3.09 1.32
CA LYS A 160 -7.76 3.96 0.23
C LYS A 160 -8.99 4.51 -0.47
N PHE A 161 -8.94 5.79 -0.82
CA PHE A 161 -10.05 6.40 -1.53
C PHE A 161 -9.86 6.23 -3.04
N SER A 162 -10.95 6.48 -3.78
CA SER A 162 -10.92 6.32 -5.23
C SER A 162 -9.87 7.20 -5.91
N PHE A 163 -9.57 8.36 -5.34
CA PHE A 163 -8.59 9.27 -5.94
C PHE A 163 -7.16 8.98 -5.50
N GLN A 164 -6.95 8.03 -4.61
CA GLN A 164 -5.62 7.59 -4.27
C GLN A 164 -5.16 6.54 -5.27
N SER A 165 -3.90 6.63 -5.66
CA SER A 165 -3.36 5.87 -6.78
C SER A 165 -3.52 4.37 -6.55
N PRO A 166 -4.39 3.70 -7.32
CA PRO A 166 -4.46 2.23 -7.21
C PRO A 166 -3.21 1.53 -7.70
N GLY A 167 -2.31 2.23 -8.37
CA GLY A 167 -1.11 1.65 -8.93
C GLY A 167 0.09 1.55 -8.02
N ARG A 168 -0.03 1.93 -6.74
CA ARG A 168 1.08 1.90 -5.79
C ARG A 168 0.65 1.14 -4.54
N MET A 169 1.12 -0.10 -4.41
CA MET A 169 0.92 -0.95 -3.23
C MET A 169 2.08 -0.88 -2.24
N TYR A 170 1.80 -0.46 -1.01
CA TYR A 170 2.88 -0.31 -0.04
C TYR A 170 2.97 -1.43 0.99
N ALA A 171 2.06 -2.38 0.99
CA ALA A 171 2.16 -3.50 1.92
C ALA A 171 1.81 -4.80 1.19
N PRO A 172 2.51 -5.12 0.10
CA PRO A 172 2.15 -6.30 -0.67
C PRO A 172 2.31 -7.63 0.06
N ALA A 173 3.10 -7.69 1.14
CA ALA A 173 3.34 -8.99 1.78
C ALA A 173 2.05 -9.59 2.32
N TRP A 174 1.05 -8.76 2.60
CA TRP A 174 -0.22 -9.25 3.11
C TRP A 174 -1.29 -9.48 2.04
N VAL A 175 -0.99 -9.21 0.78
CA VAL A 175 -2.01 -9.23 -0.26
C VAL A 175 -2.02 -10.60 -0.94
N ALA A 176 -3.23 -11.12 -1.20
CA ALA A 176 -3.40 -12.41 -1.85
C ALA A 176 -2.77 -12.40 -3.23
N PRO A 177 -2.19 -13.51 -3.69
CA PRO A 177 -1.53 -13.49 -5.01
C PRO A 177 -2.45 -13.03 -6.11
N GLU A 178 -3.71 -13.45 -6.10
CA GLU A 178 -4.64 -13.01 -7.14
C GLU A 178 -4.88 -11.52 -7.10
N ALA A 179 -4.84 -10.88 -5.92
CA ALA A 179 -5.06 -9.44 -5.82
C ALA A 179 -3.82 -8.62 -6.19
N LEU A 180 -2.66 -9.27 -6.33
CA LEU A 180 -1.48 -8.61 -6.87
C LEU A 180 -1.56 -8.47 -8.38
N GLN A 181 -2.46 -9.22 -9.01
CA GLN A 181 -2.46 -9.41 -10.46
C GLN A 181 -3.76 -8.99 -11.14
N LYS A 182 -4.90 -9.08 -10.45
CA LYS A 182 -6.19 -8.84 -11.06
C LYS A 182 -6.88 -7.64 -10.42
N LYS A 183 -7.72 -7.00 -11.21
CA LYS A 183 -8.50 -5.87 -10.68
C LYS A 183 -9.45 -6.38 -9.60
N PRO A 184 -9.74 -5.57 -8.58
CA PRO A 184 -10.64 -6.00 -7.50
C PRO A 184 -11.97 -6.54 -8.00
N GLU A 185 -12.52 -5.94 -9.05
CA GLU A 185 -13.78 -6.41 -9.62
C GLU A 185 -13.68 -7.81 -10.20
N ASP A 186 -12.47 -8.27 -10.50
CA ASP A 186 -12.26 -9.61 -11.02
C ASP A 186 -11.83 -10.60 -9.95
N THR A 187 -11.84 -10.19 -8.68
CA THR A 187 -11.46 -11.05 -7.57
C THR A 187 -12.62 -11.16 -6.60
N ASN A 188 -12.63 -12.25 -5.84
CA ASN A 188 -13.51 -12.34 -4.68
C ASN A 188 -12.79 -11.61 -3.55
N ARG A 189 -13.30 -10.42 -3.19
CA ARG A 189 -12.57 -9.60 -2.23
C ARG A 189 -12.59 -10.19 -0.84
N ARG A 190 -13.66 -10.89 -0.47
CA ARG A 190 -13.70 -11.47 0.86
C ARG A 190 -12.67 -12.58 0.99
N SER A 191 -12.50 -13.39 -0.07
CA SER A 191 -11.48 -14.43 -0.05
C SER A 191 -10.08 -13.82 -0.01
N ALA A 192 -9.87 -12.72 -0.73
CA ALA A 192 -8.57 -12.07 -0.68
C ALA A 192 -8.24 -11.59 0.74
N ASP A 193 -9.26 -11.10 1.46
CA ASP A 193 -9.02 -10.67 2.85
C ASP A 193 -8.60 -11.84 3.73
N MET A 194 -9.09 -13.05 3.45
CA MET A 194 -8.71 -14.18 4.30
C MET A 194 -7.24 -14.54 4.12
N TRP A 195 -6.70 -14.38 2.90
CA TRP A 195 -5.25 -14.52 2.73
C TRP A 195 -4.51 -13.56 3.66
N SER A 196 -4.95 -12.30 3.66
CA SER A 196 -4.29 -11.31 4.51
C SER A 196 -4.34 -11.74 5.97
N PHE A 197 -5.47 -12.31 6.39
CA PHE A 197 -5.56 -12.81 7.76
C PHE A 197 -4.57 -13.95 8.00
N ALA A 198 -4.41 -14.84 7.02
CA ALA A 198 -3.42 -15.91 7.15
C ALA A 198 -2.02 -15.34 7.37
N VAL A 199 -1.67 -14.26 6.67
CA VAL A 199 -0.36 -13.65 6.86
C VAL A 199 -0.27 -13.03 8.25
N LEU A 200 -1.37 -12.43 8.73
CA LEU A 200 -1.43 -11.95 10.12
C LEU A 200 -1.21 -13.09 11.10
N LEU A 201 -1.82 -14.25 10.88
CA LEU A 201 -1.54 -15.40 11.74
C LEU A 201 -0.06 -15.77 11.72
N TRP A 202 0.54 -15.77 10.52
CA TRP A 202 1.97 -16.06 10.43
C TRP A 202 2.77 -15.05 11.24
N GLU A 203 2.40 -13.77 11.14
CA GLU A 203 3.07 -12.70 11.87
C GLU A 203 2.93 -12.90 13.38
N LEU A 204 1.76 -13.35 13.83
CA LEU A 204 1.54 -13.57 15.26
C LEU A 204 2.31 -14.77 15.76
N VAL A 205 2.51 -15.75 14.90
CA VAL A 205 3.25 -16.96 15.24
C VAL A 205 4.76 -16.71 15.24
N THR A 206 5.29 -16.04 14.21
CA THR A 206 6.75 -15.84 14.12
C THR A 206 7.26 -14.59 14.81
N ARG A 207 6.39 -13.59 15.04
CA ARG A 207 6.81 -12.26 15.50
C ARG A 207 7.91 -11.69 14.61
N GLU A 208 7.75 -11.91 13.30
CA GLU A 208 8.62 -11.37 12.27
C GLU A 208 7.75 -10.63 11.26
N VAL A 209 8.32 -9.61 10.63
CA VAL A 209 7.62 -8.95 9.52
C VAL A 209 7.76 -9.85 8.29
N PRO A 210 6.65 -10.19 7.61
CA PRO A 210 6.75 -11.09 6.44
C PRO A 210 7.62 -10.49 5.34
N PHE A 211 8.60 -11.29 4.89
CA PHE A 211 9.50 -10.89 3.79
C PHE A 211 10.23 -9.58 4.12
N ALA A 212 10.65 -9.41 5.38
CA ALA A 212 11.25 -8.15 5.79
C ALA A 212 12.54 -7.84 5.04
N ASP A 213 13.19 -8.87 4.50
CA ASP A 213 14.46 -8.69 3.82
C ASP A 213 14.29 -8.23 2.38
N LEU A 214 13.06 -8.12 1.88
CA LEU A 214 12.80 -7.75 0.49
C LEU A 214 12.06 -6.43 0.40
N SER A 215 12.30 -5.70 -0.70
CA SER A 215 11.56 -4.48 -0.97
C SER A 215 10.14 -4.82 -1.41
N ASN A 216 9.25 -3.83 -1.31
CA ASN A 216 7.86 -4.04 -1.71
C ASN A 216 7.75 -4.51 -3.16
N MET A 217 8.57 -3.94 -4.06
CA MET A 217 8.42 -4.33 -5.47
C MET A 217 8.89 -5.77 -5.63
N GLU A 218 9.98 -6.13 -4.95
CA GLU A 218 10.44 -7.51 -4.91
C GLU A 218 9.35 -8.46 -4.39
N ILE A 219 8.70 -8.08 -3.29
CA ILE A 219 7.68 -8.95 -2.70
C ILE A 219 6.55 -9.20 -3.70
N GLY A 220 5.97 -8.13 -4.25
CA GLY A 220 4.82 -8.31 -5.13
C GLY A 220 5.16 -9.12 -6.36
N MET A 221 6.30 -8.82 -6.99
CA MET A 221 6.71 -9.56 -8.18
C MET A 221 6.99 -11.03 -7.86
N LYS A 222 7.65 -11.33 -6.74
CA LYS A 222 7.96 -12.72 -6.43
C LYS A 222 6.73 -13.49 -5.99
N VAL A 223 5.84 -12.87 -5.19
CA VAL A 223 4.64 -13.58 -4.81
C VAL A 223 3.73 -13.81 -6.01
N ALA A 224 3.61 -12.82 -6.89
CA ALA A 224 2.68 -12.95 -8.02
C ALA A 224 3.22 -13.91 -9.06
N LEU A 225 4.50 -13.81 -9.38
CA LEU A 225 5.04 -14.49 -10.57
C LEU A 225 5.96 -15.66 -10.26
N GLU A 226 6.50 -15.76 -9.05
CA GLU A 226 7.48 -16.79 -8.72
C GLU A 226 7.02 -17.70 -7.59
N GLY A 227 5.81 -17.53 -7.09
CA GLY A 227 5.30 -18.40 -6.04
C GLY A 227 5.92 -18.22 -4.67
N LEU A 228 6.50 -17.05 -4.38
CA LEU A 228 7.04 -16.84 -3.04
C LEU A 228 5.91 -16.85 -2.02
N ARG A 229 6.10 -17.62 -0.95
CA ARG A 229 5.11 -17.74 0.11
C ARG A 229 5.81 -17.69 1.46
N PRO A 230 5.10 -17.32 2.53
CA PRO A 230 5.68 -17.45 3.86
C PRO A 230 5.97 -18.91 4.16
N THR A 231 7.04 -19.15 4.88
CA THR A 231 7.36 -20.52 5.24
C THR A 231 6.64 -20.86 6.53
N ILE A 232 5.88 -21.95 6.51
CA ILE A 232 5.15 -22.35 7.73
C ILE A 232 6.18 -22.61 8.84
N PRO A 233 5.98 -22.06 10.03
CA PRO A 233 7.04 -22.12 11.03
C PRO A 233 7.17 -23.53 11.59
N PRO A 234 8.37 -23.92 12.01
CA PRO A 234 8.54 -25.26 12.58
C PRO A 234 8.17 -25.28 14.05
N GLY A 235 7.70 -26.45 14.49
CA GLY A 235 7.42 -26.66 15.91
C GLY A 235 6.27 -25.85 16.47
N ILE A 236 5.22 -25.64 15.68
CA ILE A 236 4.00 -25.05 16.18
C ILE A 236 2.95 -26.16 16.24
N SER A 237 1.87 -25.90 16.97
CA SER A 237 0.87 -26.93 17.18
C SER A 237 0.24 -27.31 15.84
N PRO A 238 -0.14 -28.59 15.67
CA PRO A 238 -0.81 -28.97 14.41
C PRO A 238 -2.06 -28.16 14.15
N HIS A 239 -2.81 -27.81 15.19
CA HIS A 239 -4.04 -27.04 15.02
C HIS A 239 -3.77 -25.67 14.41
N VAL A 240 -2.70 -25.01 14.87
CA VAL A 240 -2.37 -23.70 14.33
C VAL A 240 -1.84 -23.83 12.91
N SER A 241 -0.96 -24.80 12.68
CA SER A 241 -0.48 -25.06 11.33
C SER A 241 -1.63 -25.33 10.37
N LYS A 242 -2.63 -26.07 10.83
CA LYS A 242 -3.75 -26.42 9.92
C LYS A 242 -4.57 -25.16 9.62
N LEU A 243 -4.81 -24.36 10.65
CA LEU A 243 -5.57 -23.14 10.43
C LEU A 243 -4.87 -22.21 9.46
N MET A 244 -3.56 -22.04 9.62
CA MET A 244 -2.82 -21.15 8.74
C MET A 244 -2.85 -21.66 7.30
N LYS A 245 -2.74 -22.98 7.11
CA LYS A 245 -2.73 -23.52 5.77
C LYS A 245 -4.09 -23.36 5.07
N ILE A 246 -5.19 -23.56 5.79
CA ILE A 246 -6.48 -23.43 5.11
C ILE A 246 -6.80 -21.96 4.82
N CYS A 247 -6.39 -21.03 5.69
CA CYS A 247 -6.63 -19.62 5.39
C CYS A 247 -5.77 -19.13 4.24
N MET A 248 -4.63 -19.78 3.99
CA MET A 248 -3.69 -19.39 2.95
C MET A 248 -3.78 -20.34 1.75
N ASN A 249 -4.98 -20.89 1.51
CA ASN A 249 -5.18 -21.80 0.38
C ASN A 249 -4.90 -21.07 -0.92
N GLU A 250 -4.16 -21.73 -1.82
CA GLU A 250 -3.88 -21.12 -3.12
C GLU A 250 -5.16 -20.83 -3.89
N ASP A 251 -6.16 -21.69 -3.75
CA ASP A 251 -7.47 -21.48 -4.35
C ASP A 251 -8.31 -20.55 -3.48
N PRO A 252 -8.61 -19.34 -3.94
CA PRO A 252 -9.44 -18.44 -3.13
C PRO A 252 -10.77 -19.06 -2.70
N ALA A 253 -11.38 -19.90 -3.56
CA ALA A 253 -12.69 -20.43 -3.23
C ALA A 253 -12.66 -21.42 -2.08
N LYS A 254 -11.49 -21.94 -1.73
CA LYS A 254 -11.40 -22.96 -0.67
C LYS A 254 -11.06 -22.30 0.68
N ARG A 255 -10.77 -21.01 0.66
CA ARG A 255 -10.44 -20.36 1.91
C ARG A 255 -11.71 -20.23 2.75
N PRO A 256 -11.62 -20.39 4.07
CA PRO A 256 -12.80 -20.23 4.91
C PRO A 256 -13.27 -18.78 4.95
N LYS A 257 -14.53 -18.60 5.30
CA LYS A 257 -15.05 -17.28 5.64
C LYS A 257 -14.64 -16.91 7.06
N PHE A 258 -14.60 -15.60 7.33
CA PHE A 258 -14.24 -15.16 8.69
C PHE A 258 -15.22 -15.71 9.70
N ASP A 259 -16.51 -15.79 9.35
CA ASP A 259 -17.45 -16.26 10.36
C ASP A 259 -17.28 -17.75 10.64
N MET A 260 -16.53 -18.46 9.81
CA MET A 260 -16.25 -19.84 10.13
C MET A 260 -14.99 -20.00 10.96
N ILE A 261 -14.03 -19.08 10.85
CA ILE A 261 -12.86 -19.20 11.72
C ILE A 261 -13.05 -18.56 13.07
N VAL A 262 -14.05 -17.70 13.26
CA VAL A 262 -14.32 -17.14 14.59
C VAL A 262 -14.53 -18.24 15.64
N PRO A 263 -15.43 -19.22 15.44
CA PRO A 263 -15.57 -20.25 16.48
C PRO A 263 -14.32 -21.10 16.67
N ILE A 264 -13.52 -21.29 15.63
CA ILE A 264 -12.26 -22.01 15.78
C ILE A 264 -11.33 -21.26 16.73
N LEU A 265 -11.21 -19.95 16.52
CA LEU A 265 -10.36 -19.14 17.38
C LEU A 265 -10.92 -19.04 18.79
N GLU A 266 -12.25 -19.01 18.92
CA GLU A 266 -12.86 -18.99 20.25
C GLU A 266 -12.43 -20.18 21.08
N LYS A 267 -12.36 -21.36 20.47
CA LYS A 267 -11.96 -22.57 21.18
C LYS A 267 -10.47 -22.57 21.54
N MET A 268 -9.64 -21.83 20.80
CA MET A 268 -8.24 -21.70 21.19
C MET A 268 -8.00 -20.64 22.26
N GLN A 269 -9.02 -19.92 22.69
CA GLN A 269 -8.88 -18.93 23.76
C GLN A 269 -8.57 -19.62 25.07
N ASP A 270 -7.90 -18.88 25.97
CA ASP A 270 -7.88 -19.25 27.37
C ASP A 270 -9.28 -19.35 27.94
N LYS A 271 -10.06 -18.28 27.78
CA LYS A 271 -11.45 -18.23 28.22
C LYS A 271 -12.39 -18.14 27.01
N ALA B 6 21.08 22.51 -21.02
CA ALA B 6 21.91 22.11 -19.88
C ALA B 6 22.28 20.64 -19.99
N PHE B 7 21.26 19.79 -20.08
CA PHE B 7 21.49 18.37 -20.35
C PHE B 7 21.96 18.15 -21.78
N ASP B 8 21.58 19.05 -22.69
CA ASP B 8 21.91 18.92 -24.11
C ASP B 8 23.37 19.24 -24.41
N THR B 9 24.04 20.02 -23.55
CA THR B 9 25.48 20.16 -23.66
C THR B 9 26.19 18.87 -23.28
N LEU B 10 25.75 18.24 -22.20
CA LEU B 10 26.26 16.91 -21.83
C LEU B 10 25.94 15.89 -22.90
N PHE B 11 24.82 16.07 -23.62
CA PHE B 11 24.45 15.15 -24.69
C PHE B 11 25.30 15.35 -25.93
N ASP B 12 25.42 16.59 -26.40
CA ASP B 12 26.04 16.86 -27.71
C ASP B 12 27.54 17.10 -27.59
N HIS B 13 27.93 18.19 -26.94
CA HIS B 13 29.27 18.76 -27.07
C HIS B 13 30.20 18.36 -25.94
N ALA B 14 30.11 17.08 -25.56
CA ALA B 14 31.10 16.37 -24.76
C ALA B 14 30.85 14.88 -24.96
N PRO B 15 30.99 14.37 -26.19
CA PRO B 15 30.52 12.99 -26.48
C PRO B 15 31.16 11.93 -25.62
N ASP B 16 32.34 12.18 -25.04
CA ASP B 16 32.89 11.26 -24.06
C ASP B 16 32.25 11.43 -22.70
N LYS B 17 31.70 12.62 -22.39
CA LYS B 17 30.91 12.78 -21.18
C LYS B 17 29.53 12.13 -21.34
N LEU B 18 28.92 12.30 -22.51
CA LEU B 18 27.69 11.59 -22.81
C LEU B 18 27.84 10.10 -22.58
N ASN B 19 28.99 9.54 -22.96
CA ASN B 19 29.26 8.13 -22.69
C ASN B 19 29.45 7.88 -21.19
N VAL B 20 29.96 8.87 -20.46
CA VAL B 20 30.08 8.73 -19.01
C VAL B 20 28.71 8.78 -18.36
N VAL B 21 27.83 9.67 -18.85
CA VAL B 21 26.45 9.71 -18.38
C VAL B 21 25.76 8.38 -18.67
N LYS B 22 25.95 7.85 -19.88
CA LYS B 22 25.35 6.57 -20.24
C LYS B 22 25.91 5.43 -19.39
N LYS B 23 27.19 5.50 -19.02
CA LYS B 23 27.75 4.46 -18.16
C LYS B 23 27.23 4.58 -16.74
N THR B 24 27.05 5.81 -16.27
CA THR B 24 26.55 6.02 -14.91
C THR B 24 25.09 5.62 -14.80
N LEU B 25 24.29 5.91 -15.82
CA LEU B 25 22.88 5.55 -15.81
C LEU B 25 22.69 4.05 -15.88
N ILE B 26 23.53 3.34 -16.63
CA ILE B 26 23.42 1.89 -16.70
C ILE B 26 23.77 1.26 -15.36
N THR B 27 24.79 1.79 -14.68
CA THR B 27 25.12 1.32 -13.34
C THR B 27 23.92 1.48 -12.41
N PHE B 28 23.29 2.65 -12.46
CA PHE B 28 22.21 2.99 -11.53
C PHE B 28 20.98 2.11 -11.73
N VAL B 29 20.50 2.01 -12.98
CA VAL B 29 19.28 1.23 -13.20
C VAL B 29 19.51 -0.24 -12.89
N ASN B 30 20.73 -0.73 -13.08
CA ASN B 30 20.99 -2.13 -12.77
C ASN B 30 21.04 -2.38 -11.26
N LYS B 31 21.47 -1.39 -10.47
CA LYS B 31 21.48 -1.57 -9.02
C LYS B 31 20.11 -1.93 -8.50
N HIS B 32 19.06 -1.48 -9.17
CA HIS B 32 17.69 -1.74 -8.75
C HIS B 32 17.04 -2.87 -9.52
N LEU B 33 17.12 -2.85 -10.85
CA LEU B 33 16.43 -3.89 -11.64
C LEU B 33 17.02 -5.28 -11.44
N ASN B 34 18.31 -5.37 -11.08
CA ASN B 34 18.89 -6.70 -10.82
C ASN B 34 18.17 -7.42 -9.67
N LYS B 35 17.52 -6.67 -8.77
CA LYS B 35 16.79 -7.29 -7.68
C LYS B 35 15.60 -8.08 -8.17
N LEU B 36 15.13 -7.80 -9.39
CA LEU B 36 14.07 -8.56 -10.03
C LEU B 36 14.61 -9.59 -11.02
N ASN B 37 15.93 -9.82 -11.01
CA ASN B 37 16.61 -10.66 -12.00
C ASN B 37 16.45 -10.10 -13.40
N LEU B 38 16.58 -8.78 -13.51
CA LEU B 38 16.51 -8.08 -14.79
C LEU B 38 17.79 -7.28 -14.98
N GLU B 39 18.31 -7.31 -16.21
CA GLU B 39 19.56 -6.65 -16.52
C GLU B 39 19.35 -5.73 -17.70
N VAL B 40 19.94 -4.54 -17.63
CA VAL B 40 19.93 -3.59 -18.74
C VAL B 40 21.34 -3.52 -19.29
N THR B 41 21.45 -3.66 -20.61
CA THR B 41 22.72 -3.46 -21.30
C THR B 41 22.65 -2.36 -22.34
N GLU B 42 21.45 -1.85 -22.63
CA GLU B 42 21.21 -1.01 -23.80
C GLU B 42 20.14 0.04 -23.45
N LEU B 43 20.57 1.26 -23.15
CA LEU B 43 19.59 2.32 -22.88
C LEU B 43 18.79 2.73 -24.10
N GLU B 44 19.30 2.47 -25.31
CA GLU B 44 18.57 3.01 -26.45
C GLU B 44 17.29 2.23 -26.77
N THR B 45 17.12 1.02 -26.26
CA THR B 45 15.90 0.26 -26.56
C THR B 45 15.20 -0.32 -25.33
N GLN B 46 15.94 -0.59 -24.26
CA GLN B 46 15.38 -1.43 -23.20
C GLN B 46 14.40 -0.70 -22.28
N PHE B 47 14.21 0.60 -22.45
CA PHE B 47 13.18 1.31 -21.70
C PHE B 47 12.02 1.76 -22.58
N ALA B 48 12.04 1.40 -23.88
CA ALA B 48 11.07 1.96 -24.81
C ALA B 48 9.65 1.43 -24.59
N ASP B 49 9.49 0.21 -24.07
CA ASP B 49 8.14 -0.32 -23.91
C ASP B 49 7.53 0.03 -22.55
N GLY B 50 8.21 0.82 -21.74
CA GLY B 50 7.65 1.33 -20.50
C GLY B 50 7.74 0.41 -19.29
N VAL B 51 8.00 -0.89 -19.50
CA VAL B 51 7.93 -1.86 -18.40
C VAL B 51 9.00 -1.58 -17.37
N TYR B 52 10.26 -1.47 -17.80
CA TYR B 52 11.33 -1.25 -16.83
C TYR B 52 11.21 0.09 -16.12
N LEU B 53 10.63 1.11 -16.77
CA LEU B 53 10.42 2.37 -16.08
C LEU B 53 9.42 2.21 -14.94
N VAL B 54 8.35 1.45 -15.17
CA VAL B 54 7.36 1.23 -14.11
C VAL B 54 7.98 0.45 -12.96
N LEU B 55 8.69 -0.64 -13.30
CA LEU B 55 9.34 -1.45 -12.26
C LEU B 55 10.39 -0.64 -11.51
N LEU B 56 11.16 0.18 -12.23
CA LEU B 56 12.16 1.01 -11.58
C LEU B 56 11.53 1.99 -10.59
N MET B 57 10.42 2.64 -10.97
CA MET B 57 9.81 3.59 -10.04
C MET B 57 9.36 2.93 -8.74
N GLY B 58 8.81 1.71 -8.82
CA GLY B 58 8.47 1.01 -7.59
C GLY B 58 9.69 0.65 -6.76
N LEU B 59 10.78 0.27 -7.43
CA LEU B 59 12.00 -0.03 -6.70
C LEU B 59 12.57 1.22 -6.03
N LEU B 60 12.45 2.38 -6.69
CA LEU B 60 13.06 3.60 -6.17
C LEU B 60 12.22 4.23 -5.06
N GLU B 61 10.89 4.12 -5.14
CA GLU B 61 10.01 4.78 -4.20
C GLU B 61 9.31 3.80 -3.26
N GLY B 62 9.66 2.52 -3.32
CA GLY B 62 9.29 1.58 -2.28
C GLY B 62 7.86 1.03 -2.34
N TYR B 63 7.33 0.81 -3.54
CA TYR B 63 6.03 0.16 -3.67
C TYR B 63 6.07 -0.90 -4.76
N PHE B 64 5.09 -1.79 -4.72
CA PHE B 64 4.79 -2.72 -5.80
C PHE B 64 3.73 -2.08 -6.70
N VAL B 65 3.80 -2.35 -8.00
CA VAL B 65 2.78 -1.88 -8.92
C VAL B 65 1.93 -3.08 -9.32
N PRO B 66 0.67 -3.14 -8.90
CA PRO B 66 -0.19 -4.26 -9.29
C PRO B 66 -0.20 -4.47 -10.79
N LEU B 67 -0.11 -5.74 -11.20
CA LEU B 67 0.07 -6.05 -12.63
C LEU B 67 -1.14 -5.67 -13.47
N HIS B 68 -2.30 -5.44 -12.86
CA HIS B 68 -3.44 -4.95 -13.62
C HIS B 68 -3.37 -3.46 -13.93
N SER B 69 -2.39 -2.76 -13.38
CA SER B 69 -2.26 -1.32 -13.51
C SER B 69 -1.48 -0.90 -14.74
N PHE B 70 -0.77 -1.83 -15.37
CA PHE B 70 0.00 -1.54 -16.58
C PHE B 70 0.11 -2.82 -17.39
N PHE B 71 0.82 -2.75 -18.53
CA PHE B 71 0.99 -3.91 -19.41
C PHE B 71 2.40 -4.46 -19.22
N LEU B 72 2.50 -5.58 -18.50
CA LEU B 72 3.82 -6.16 -18.23
C LEU B 72 4.47 -6.69 -19.50
N THR B 73 3.65 -7.12 -20.46
CA THR B 73 4.10 -7.60 -21.76
C THR B 73 3.29 -6.87 -22.83
N PRO B 74 3.63 -5.61 -23.10
CA PRO B 74 2.84 -4.81 -24.04
C PRO B 74 2.87 -5.39 -25.45
N ASP B 75 1.70 -5.41 -26.09
CA ASP B 75 1.50 -6.08 -27.36
C ASP B 75 1.24 -5.10 -28.49
N SER B 76 1.43 -3.80 -28.25
CA SER B 76 1.15 -2.80 -29.27
C SER B 76 1.84 -1.50 -28.91
N PHE B 77 2.00 -0.64 -29.92
CA PHE B 77 2.55 0.69 -29.70
C PHE B 77 1.73 1.45 -28.66
N GLU B 78 0.40 1.33 -28.74
CA GLU B 78 -0.49 2.00 -27.81
C GLU B 78 -0.26 1.56 -26.38
N GLN B 79 -0.06 0.26 -26.15
CA GLN B 79 0.15 -0.22 -24.78
C GLN B 79 1.49 0.26 -24.23
N LYS B 80 2.52 0.31 -25.07
CA LYS B 80 3.79 0.86 -24.63
C LYS B 80 3.67 2.33 -24.27
N VAL B 81 2.92 3.08 -25.07
CA VAL B 81 2.68 4.48 -24.77
C VAL B 81 1.94 4.62 -23.44
N LEU B 82 0.92 3.79 -23.23
CA LEU B 82 0.20 3.79 -21.95
C LEU B 82 1.13 3.45 -20.78
N ASN B 83 2.05 2.49 -20.97
CA ASN B 83 3.00 2.16 -19.91
C ASN B 83 3.89 3.36 -19.57
N VAL B 84 4.44 4.00 -20.61
CA VAL B 84 5.33 5.13 -20.35
C VAL B 84 4.56 6.28 -19.72
N SER B 85 3.33 6.52 -20.19
CA SER B 85 2.50 7.57 -19.61
C SER B 85 2.25 7.30 -18.13
N PHE B 86 1.91 6.06 -17.81
CA PHE B 86 1.70 5.65 -16.42
C PHE B 86 2.98 5.83 -15.59
N ALA B 87 4.12 5.40 -16.13
CA ALA B 87 5.38 5.62 -15.45
C ALA B 87 5.63 7.11 -15.23
N PHE B 88 5.26 7.95 -16.21
CA PHE B 88 5.40 9.39 -16.03
C PHE B 88 4.53 9.88 -14.87
N GLU B 89 3.33 9.30 -14.75
CA GLU B 89 2.45 9.68 -13.63
C GLU B 89 3.07 9.29 -12.30
N LEU B 90 3.67 8.09 -12.23
CA LEU B 90 4.34 7.66 -11.00
C LEU B 90 5.49 8.59 -10.63
N MET B 91 6.22 9.08 -11.64
CA MET B 91 7.29 10.04 -11.37
C MET B 91 6.74 11.31 -10.73
N GLN B 92 5.62 11.81 -11.25
CA GLN B 92 5.01 13.00 -10.68
C GLN B 92 4.44 12.73 -9.30
N ASP B 93 3.88 11.53 -9.09
CA ASP B 93 3.47 11.12 -7.75
C ASP B 93 4.63 11.19 -6.77
N GLY B 94 5.86 10.98 -7.25
CA GLY B 94 7.03 10.99 -6.41
C GLY B 94 7.70 12.32 -6.21
N GLY B 95 7.20 13.39 -6.83
CA GLY B 95 7.75 14.72 -6.64
C GLY B 95 8.41 15.32 -7.86
N LEU B 96 8.73 14.51 -8.87
CA LEU B 96 9.30 15.06 -10.09
C LEU B 96 8.27 15.89 -10.84
N GLU B 97 8.73 16.94 -11.51
CA GLU B 97 7.83 17.69 -12.37
C GLU B 97 7.51 16.86 -13.61
N LYS B 98 6.41 17.20 -14.28
CA LYS B 98 5.97 16.47 -15.46
C LYS B 98 7.12 16.35 -16.46
N PRO B 99 7.50 15.14 -16.85
CA PRO B 99 8.65 14.98 -17.75
C PRO B 99 8.46 15.74 -19.06
N LYS B 100 9.59 16.19 -19.61
CA LYS B 100 9.57 16.93 -20.88
C LYS B 100 9.08 16.10 -22.05
N PRO B 101 9.65 14.92 -22.36
CA PRO B 101 9.27 14.23 -23.61
C PRO B 101 7.84 13.73 -23.57
N ARG B 102 7.26 13.61 -24.75
CA ARG B 102 6.02 12.86 -24.88
C ARG B 102 6.31 11.39 -24.59
N PRO B 103 5.31 10.64 -24.11
CA PRO B 103 5.52 9.19 -23.95
C PRO B 103 5.89 8.51 -25.25
N GLU B 104 5.35 9.00 -26.38
CA GLU B 104 5.74 8.48 -27.69
C GLU B 104 7.23 8.62 -27.96
N ASP B 105 7.86 9.67 -27.40
CA ASP B 105 9.29 9.86 -27.61
C ASP B 105 10.11 8.71 -27.04
N ILE B 106 9.70 8.19 -25.88
CA ILE B 106 10.42 7.06 -25.28
C ILE B 106 10.19 5.80 -26.08
N VAL B 107 8.94 5.57 -26.52
CA VAL B 107 8.62 4.35 -27.24
C VAL B 107 9.37 4.31 -28.57
N ASN B 108 9.62 5.46 -29.15
CA ASN B 108 10.34 5.57 -30.43
C ASN B 108 11.86 5.54 -30.27
N CYS B 109 12.35 5.25 -29.06
CA CYS B 109 13.77 5.12 -28.78
C CYS B 109 14.53 6.39 -29.12
N ASP B 110 13.90 7.55 -28.86
CA ASP B 110 14.62 8.82 -28.93
C ASP B 110 15.66 8.83 -27.81
N LEU B 111 16.93 8.75 -28.20
CA LEU B 111 17.99 8.49 -27.23
C LEU B 111 18.06 9.64 -26.23
N LYS B 112 17.89 10.88 -26.71
CA LYS B 112 17.95 12.05 -25.86
C LYS B 112 16.80 12.07 -24.86
N SER B 113 15.58 11.80 -25.33
CA SER B 113 14.43 11.76 -24.43
C SER B 113 14.61 10.70 -23.35
N THR B 114 15.33 9.62 -23.66
CA THR B 114 15.46 8.51 -22.72
C THR B 114 16.43 8.83 -21.58
N LEU B 115 17.62 9.33 -21.91
CA LEU B 115 18.56 9.74 -20.87
C LEU B 115 18.10 10.94 -20.07
N ARG B 116 17.28 11.83 -20.65
CA ARG B 116 16.78 12.93 -19.83
C ARG B 116 15.84 12.41 -18.74
N VAL B 117 14.97 11.47 -19.08
CA VAL B 117 14.09 10.87 -18.08
C VAL B 117 14.92 10.07 -17.07
N LEU B 118 15.89 9.29 -17.55
CA LEU B 118 16.68 8.47 -16.65
C LEU B 118 17.59 9.31 -15.77
N TYR B 119 18.15 10.40 -16.32
CA TYR B 119 19.06 11.23 -15.55
C TYR B 119 18.32 11.99 -14.45
N ASN B 120 17.09 12.42 -14.73
CA ASN B 120 16.27 13.05 -13.70
C ASN B 120 15.91 12.04 -12.62
N LEU B 121 15.68 10.78 -12.98
CA LEU B 121 15.57 9.73 -11.97
C LEU B 121 16.88 9.59 -11.21
N PHE B 122 18.01 9.66 -11.92
CA PHE B 122 19.29 9.49 -11.25
C PHE B 122 19.57 10.65 -10.30
N THR B 123 19.35 11.88 -10.76
CA THR B 123 19.55 13.06 -9.91
C THR B 123 18.80 12.94 -8.59
N LYS B 124 17.56 12.44 -8.65
CA LYS B 124 16.71 12.42 -7.46
C LYS B 124 17.03 11.24 -6.55
N TYR B 125 17.37 10.09 -7.14
CA TYR B 125 17.42 8.84 -6.40
C TYR B 125 18.83 8.25 -6.32
N ARG B 126 19.88 9.06 -6.48
CA ARG B 126 21.26 8.55 -6.41
C ARG B 126 21.47 7.66 -5.19
N ASN B 127 21.08 8.15 -4.03
CA ASN B 127 21.47 7.55 -2.75
C ASN B 127 20.50 6.48 -2.27
N VAL B 128 19.41 6.25 -2.99
CA VAL B 128 18.51 5.15 -2.64
C VAL B 128 19.27 3.84 -2.73
N GLU B 129 19.15 3.02 -1.69
CA GLU B 129 19.86 1.75 -1.61
C GLU B 129 19.00 0.59 -2.11
C10 A1A2V C . 3.02 7.06 14.53
C13 A1A2V C . -1.12 5.95 14.93
C15 A1A2V C . -2.95 5.89 16.50
C17 A1A2V C . -3.46 5.82 14.18
C20 A1A2V C . -4.70 7.17 11.67
C21 A1A2V C . -5.34 7.56 10.50
C22 A1A2V C . -6.46 8.60 10.59
C24 A1A2V C . -4.94 7.02 9.28
C26 A1A2V C . -3.91 6.09 9.25
C01 A1A2V C . 2.80 3.90 21.21
C03 A1A2V C . 1.13 5.37 20.43
C04 A1A2V C . -0.10 5.39 19.50
C06 A1A2V C . -0.67 6.03 17.28
C07 A1A2V C . -0.21 6.03 15.98
C09 A1A2V C . 1.51 6.80 14.57
C12 A1A2V C . 4.72 8.14 15.69
C14 A1A2V C . -2.01 5.96 17.57
C16 A1A2V C . -2.50 5.88 15.22
C19 A1A2V C . -3.68 6.23 11.64
C23 A1A2V C . -7.34 9.41 10.70
C25 A1A2V C . -5.61 7.42 7.97
C27 A1A2V C . -3.29 5.70 10.42
C29 A1A2V C . -5.19 5.76 15.75
N18 A1A2V C . -2.96 5.80 12.81
N28 A1A2V C . -4.77 5.74 14.46
N30 A1A2V C . -4.29 5.83 16.76
O02 A1A2V C . 1.76 4.13 20.28
O05 A1A2V C . 0.23 6.11 18.36
O08 A1A2V C . 1.18 6.11 15.73
O11 A1A2V C . 3.38 7.73 15.70
C1 B3P D . 4.36 2.53 -34.36
C2 B3P D . 3.63 3.88 -34.49
C3 B3P D . 5.13 2.22 -35.64
N1 B3P D . 6.04 3.32 -35.96
C4 B3P D . 7.24 2.82 -36.64
C5 B3P D . 8.17 3.99 -36.98
C6 B3P D . 6.86 2.10 -37.93
C7 B3P D . 7.96 1.84 -35.71
N2 B3P D . 2.68 3.77 -35.58
C8 B3P D . 1.59 4.73 -35.46
C9 B3P D . 0.91 4.59 -34.09
C10 B3P D . 0.57 4.44 -36.55
C11 B3P D . 2.11 6.16 -35.62
O1 B3P D . 0.49 3.26 -33.90
O2 B3P D . -0.60 5.19 -36.35
O3 B3P D . 2.23 6.78 -34.37
O4 B3P D . 9.34 3.51 -37.60
O5 B3P D . 6.10 2.93 -38.77
O6 B3P D . 8.12 2.41 -34.43
#